data_2BD3
#
_entry.id   2BD3
#
_cell.length_a   50.407
_cell.length_b   57.908
_cell.length_c   74.725
_cell.angle_alpha   90.00
_cell.angle_beta   90.00
_cell.angle_gamma   90.00
#
_symmetry.space_group_name_H-M   'P 21 21 21'
#
loop_
_entity.id
_entity.type
_entity.pdbx_description
1 polymer beta-casomorphin-7
2 polymer 'Chymotrypsin-like elastase family member 1'
3 non-polymer 'CALCIUM ION'
4 non-polymer 'SULFATE ION'
5 water water
#
loop_
_entity_poly.entity_id
_entity_poly.type
_entity_poly.pdbx_seq_one_letter_code
_entity_poly.pdbx_strand_id
1 'polypeptide(L)' YPFVEPIKA P
2 'polypeptide(L)'
;VVGGTEAQRNSWPSQISLQYRSGSSWAHTCGGTLIRQNWVMTAAHCVDRELTFRVVVGEHNLNQNNGTEQYVGVQKIVVH
PYWNTDDVAAGYDIALLRLAQSVTLNSYVQLGVLPRAGTILANNSPCYITGWGLTRTNGQLAQTLQQAYLPTVDYAICSS
SSYWGSTVKNSMVCAGGDGVRSGCQGDSGGPLHCLVNGQYAVHGVTSFVSRLGCNVTRKPTVFTRVSAYISWINNVIASN
;
A
#
# COMPACT_ATOMS: atom_id res chain seq x y z
N VAL A 4 -6.65 4.95 15.52
CA VAL A 4 -6.08 4.44 14.24
C VAL A 4 -7.07 4.55 13.06
N GLU A 5 -6.71 5.30 12.01
CA GLU A 5 -7.56 5.45 10.80
C GLU A 5 -7.05 4.75 9.51
N PRO A 6 -7.68 3.63 9.13
CA PRO A 6 -7.18 2.96 7.90
C PRO A 6 -7.22 3.93 6.71
N ILE A 7 -6.29 3.80 5.77
CA ILE A 7 -6.25 4.70 4.63
C ILE A 7 -6.05 3.98 3.27
N LYS A 8 -7.16 4.26 2.40
CA LYS A 8 -8.31 3.42 2.10
C LYS A 8 -9.47 4.29 1.63
N ALA A 9 -9.77 4.26 0.34
CA ALA A 9 -10.84 5.07 -0.24
N VAL B 1 -1.52 10.67 -0.92
CA VAL B 1 -0.17 11.10 -0.40
C VAL B 1 -0.20 12.60 -0.21
N VAL B 2 0.05 13.02 1.04
CA VAL B 2 0.14 14.43 1.41
C VAL B 2 1.60 14.82 1.26
N GLY B 3 1.85 16.00 0.68
CA GLY B 3 3.24 16.47 0.49
C GLY B 3 4.09 15.64 -0.44
N GLY B 4 3.44 15.04 -1.43
CA GLY B 4 4.18 14.26 -2.44
C GLY B 4 4.58 15.11 -3.63
N THR B 5 5.25 14.44 -4.56
CA THR B 5 5.58 15.00 -5.85
C THR B 5 5.07 14.00 -6.87
N GLU B 6 4.81 14.46 -8.10
CA GLU B 6 4.28 13.55 -9.11
C GLU B 6 5.39 12.53 -9.49
N ALA B 7 5.05 11.24 -9.44
CA ALA B 7 6.01 10.18 -9.82
C ALA B 7 6.21 10.26 -11.35
N GLN B 8 7.39 9.90 -11.80
CA GLN B 8 7.59 9.65 -13.23
C GLN B 8 6.77 8.42 -13.60
N ARG B 9 6.30 8.38 -14.85
CA ARG B 9 5.46 7.31 -15.39
C ARG B 9 5.98 5.87 -15.19
N ASN B 10 7.29 5.72 -15.23
CA ASN B 10 7.91 4.39 -15.18
C ASN B 10 8.73 4.12 -13.92
N SER B 11 8.53 4.94 -12.89
CA SER B 11 9.29 4.78 -11.67
C SER B 11 8.90 3.57 -10.86
N TRP B 12 7.58 3.34 -10.77
CA TRP B 12 7.04 2.35 -9.81
C TRP B 12 6.07 1.41 -10.50
N PRO B 13 6.61 0.59 -11.39
CA PRO B 13 5.75 -0.22 -12.28
C PRO B 13 5.00 -1.35 -11.59
N SER B 14 5.28 -1.62 -10.30
CA SER B 14 4.49 -2.64 -9.57
C SER B 14 3.26 -2.05 -8.88
N GLN B 15 3.15 -0.72 -8.89
CA GLN B 15 1.99 -0.07 -8.24
C GLN B 15 0.75 -0.32 -9.06
N ILE B 16 -0.32 -0.73 -8.39
CA ILE B 16 -1.62 -0.90 -9.02
C ILE B 16 -2.68 -0.01 -8.36
N SER B 17 -3.76 0.25 -9.11
CA SER B 17 -4.96 0.89 -8.55
C SER B 17 -6.03 -0.18 -8.38
N LEU B 18 -6.52 -0.32 -7.14
CA LEU B 18 -7.62 -1.21 -6.85
C LEU B 18 -8.90 -0.38 -6.85
N GLN B 19 -9.86 -0.76 -7.70
CA GLN B 19 -11.04 0.05 -7.98
C GLN B 19 -12.29 -0.79 -7.73
N TYR B 20 -13.39 -0.14 -7.38
CA TYR B 20 -14.65 -0.88 -7.22
C TYR B 20 -15.69 -0.30 -8.15
N ARG B 21 -16.64 -1.13 -8.56
CA ARG B 21 -17.70 -0.70 -9.46
C ARG B 21 -18.70 0.18 -8.70
N SER B 22 -19.05 1.31 -9.31
CA SER B 22 -19.85 2.34 -8.67
C SER B 22 -20.72 2.90 -9.79
N GLY B 23 -21.96 2.42 -9.85
CA GLY B 23 -22.89 2.77 -10.92
C GLY B 23 -22.41 2.19 -12.24
N SER B 24 -22.25 3.06 -13.22
CA SER B 24 -21.75 2.66 -14.54
C SER B 24 -20.27 2.97 -14.65
N SER B 25 -19.65 3.34 -13.53
CA SER B 25 -18.23 3.64 -13.52
C SER B 25 -17.42 2.84 -12.49
N TRP B 26 -16.14 3.16 -12.41
CA TRP B 26 -15.21 2.52 -11.47
C TRP B 26 -14.58 3.61 -10.65
N ALA B 27 -14.39 3.34 -9.37
CA ALA B 27 -13.78 4.33 -8.48
C ALA B 27 -12.54 3.77 -7.83
N HIS B 28 -11.44 4.51 -7.88
CA HIS B 28 -10.28 4.11 -7.12
C HIS B 28 -10.57 4.10 -5.64
N THR B 29 -10.12 3.01 -4.97
CA THR B 29 -10.25 2.93 -3.52
C THR B 29 -8.98 2.68 -2.74
N CYS B 30 -8.04 1.97 -3.35
CA CYS B 30 -6.80 1.59 -2.64
C CYS B 30 -5.70 1.33 -3.62
N GLY B 31 -4.48 1.26 -3.09
CA GLY B 31 -3.34 0.78 -3.92
C GLY B 31 -3.12 -0.70 -3.68
N GLY B 32 -2.11 -1.19 -4.36
CA GLY B 32 -1.69 -2.59 -4.25
C GLY B 32 -0.35 -2.72 -4.96
N THR B 33 0.27 -3.89 -4.80
CA THR B 33 1.57 -4.19 -5.46
C THR B 33 1.37 -5.46 -6.26
N LEU B 34 1.68 -5.42 -7.56
CA LEU B 34 1.65 -6.63 -8.39
C LEU B 34 2.83 -7.50 -7.94
N ILE B 35 2.56 -8.74 -7.49
CA ILE B 35 3.65 -9.61 -7.03
C ILE B 35 3.85 -10.84 -7.91
N ARG B 36 2.80 -11.24 -8.65
CA ARG B 36 2.90 -12.24 -9.74
C ARG B 36 2.09 -11.68 -10.91
N GLN B 37 2.23 -12.24 -12.10
CA GLN B 37 1.45 -11.73 -13.22
C GLN B 37 -0.05 -11.85 -12.93
N ASN B 38 -0.41 -12.74 -12.01
CA ASN B 38 -1.85 -12.90 -11.67
C ASN B 38 -2.14 -12.75 -10.17
N TRP B 39 -1.25 -12.08 -9.44
CA TRP B 39 -1.50 -11.85 -8.01
C TRP B 39 -1.10 -10.44 -7.58
N VAL B 40 -1.99 -9.81 -6.80
CA VAL B 40 -1.74 -8.49 -6.21
C VAL B 40 -1.76 -8.59 -4.69
N MET B 41 -0.79 -7.93 -4.03
CA MET B 41 -0.77 -7.76 -2.59
C MET B 41 -1.36 -6.40 -2.21
N THR B 42 -2.32 -6.42 -1.30
CA THR B 42 -2.97 -5.19 -0.86
C THR B 42 -3.31 -5.30 0.64
N ALA B 43 -4.03 -4.31 1.18
CA ALA B 43 -4.43 -4.38 2.59
C ALA B 43 -5.76 -5.11 2.73
N ALA B 44 -5.89 -5.92 3.78
CA ALA B 44 -7.15 -6.57 4.07
C ALA B 44 -8.27 -5.57 4.19
N HIS B 45 -8.03 -4.43 4.84
CA HIS B 45 -9.16 -3.53 5.07
C HIS B 45 -9.72 -2.93 3.78
N CYS B 46 -8.94 -3.02 2.69
CA CYS B 46 -9.41 -2.49 1.41
C CYS B 46 -10.49 -3.35 0.83
N VAL B 47 -10.52 -4.61 1.24
CA VAL B 47 -11.45 -5.56 0.62
C VAL B 47 -12.46 -6.11 1.65
N ASP B 48 -12.69 -5.37 2.75
CA ASP B 48 -13.75 -5.80 3.72
C ASP B 48 -15.13 -5.68 3.06
N ARG B 49 -15.34 -4.62 2.27
CA ARG B 49 -16.69 -4.40 1.70
C ARG B 49 -17.00 -5.43 0.60
N GLU B 50 -18.25 -5.82 0.55
CA GLU B 50 -18.77 -6.81 -0.41
C GLU B 50 -18.89 -6.21 -1.83
N LEU B 51 -17.84 -5.60 -2.32
CA LEU B 51 -17.89 -4.87 -3.60
C LEU B 51 -17.33 -5.68 -4.77
N THR B 52 -17.57 -5.21 -5.99
CA THR B 52 -16.92 -5.76 -7.17
C THR B 52 -15.63 -4.98 -7.40
N PHE B 53 -14.51 -5.69 -7.43
CA PHE B 53 -13.19 -5.05 -7.57
C PHE B 53 -12.55 -5.36 -8.92
N ARG B 54 -11.80 -4.39 -9.43
CA ARG B 54 -10.88 -4.65 -10.54
C ARG B 54 -9.54 -4.04 -10.19
N VAL B 55 -8.50 -4.52 -10.88
CA VAL B 55 -7.16 -4.00 -10.69
C VAL B 55 -6.77 -3.33 -11.99
N VAL B 56 -6.15 -2.15 -11.90
CA VAL B 56 -5.57 -1.53 -13.09
C VAL B 56 -4.05 -1.48 -12.90
N VAL B 57 -3.34 -2.06 -13.87
CA VAL B 57 -1.89 -2.00 -13.89
C VAL B 57 -1.48 -1.05 -15.00
N GLY B 58 -0.28 -0.50 -14.90
CA GLY B 58 0.16 0.44 -15.95
C GLY B 58 -0.60 1.74 -15.87
N GLU B 59 -1.10 2.06 -14.69
CA GLU B 59 -1.87 3.30 -14.51
C GLU B 59 -1.01 4.42 -14.02
N HIS B 60 -1.30 5.63 -14.54
CA HIS B 60 -0.57 6.85 -14.07
C HIS B 60 -1.55 7.94 -13.69
N ASN B 61 -2.45 8.27 -14.62
CA ASN B 61 -3.45 9.30 -14.36
C ASN B 61 -4.82 8.66 -14.30
N LEU B 62 -5.48 8.75 -13.15
CA LEU B 62 -6.79 8.07 -12.98
C LEU B 62 -7.89 8.64 -13.90
N ASN B 63 -7.68 9.86 -14.38
CA ASN B 63 -8.70 10.66 -15.03
C ASN B 63 -8.47 10.80 -16.55
N GLN B 64 -7.37 10.21 -17.04
CA GLN B 64 -7.05 10.30 -18.46
C GLN B 64 -6.39 9.04 -19.03
N ASN B 65 -6.59 8.82 -20.33
CA ASN B 65 -6.01 7.67 -21.00
C ASN B 65 -4.51 7.86 -21.08
N ASN B 66 -3.77 6.92 -20.52
CA ASN B 66 -2.30 6.95 -20.53
C ASN B 66 -1.71 6.15 -21.67
N GLY B 67 -2.52 5.27 -22.26
CA GLY B 67 -2.04 4.41 -23.34
C GLY B 67 -1.27 3.21 -22.86
N THR B 68 -1.29 2.97 -21.56
CA THR B 68 -0.48 1.90 -20.98
C THR B 68 -1.24 0.97 -20.04
N GLU B 69 -2.52 1.28 -19.78
CA GLU B 69 -3.30 0.57 -18.75
C GLU B 69 -3.73 -0.83 -19.22
N GLN B 70 -3.72 -1.77 -18.28
CA GLN B 70 -4.42 -3.05 -18.46
C GLN B 70 -5.41 -3.20 -17.30
N TYR B 71 -6.64 -3.61 -17.63
CA TYR B 71 -7.72 -3.73 -16.62
C TYR B 71 -8.05 -5.20 -16.46
N VAL B 72 -8.11 -5.64 -15.20
CA VAL B 72 -8.38 -7.06 -14.97
C VAL B 72 -9.25 -7.24 -13.73
N GLY B 73 -10.25 -8.14 -13.85
CA GLY B 73 -11.10 -8.48 -12.70
C GLY B 73 -10.36 -9.20 -11.57
N VAL B 74 -10.87 -9.08 -10.36
CA VAL B 74 -10.39 -9.86 -9.23
C VAL B 74 -11.24 -11.14 -9.11
N GLN B 75 -10.57 -12.30 -9.22
CA GLN B 75 -11.21 -13.60 -9.22
C GLN B 75 -11.33 -14.25 -7.83
N LYS B 76 -10.35 -14.01 -6.95
CA LYS B 76 -10.36 -14.59 -5.59
C LYS B 76 -9.66 -13.62 -4.65
N ILE B 77 -10.23 -13.46 -3.45
CA ILE B 77 -9.63 -12.59 -2.44
C ILE B 77 -9.28 -13.49 -1.26
N VAL B 78 -8.00 -13.46 -0.86
CA VAL B 78 -7.56 -14.25 0.29
C VAL B 78 -7.06 -13.26 1.32
N VAL B 79 -7.89 -13.04 2.34
CA VAL B 79 -7.49 -12.16 3.45
C VAL B 79 -6.68 -12.93 4.48
N HIS B 80 -5.74 -12.28 5.15
CA HIS B 80 -5.04 -12.99 6.23
C HIS B 80 -6.09 -13.53 7.22
N PRO B 81 -6.02 -14.82 7.58
CA PRO B 81 -7.03 -15.37 8.48
C PRO B 81 -7.09 -14.76 9.89
N TYR B 82 -6.05 -14.02 10.31
CA TYR B 82 -6.13 -13.38 11.62
C TYR B 82 -6.63 -11.95 11.56
N TRP B 83 -6.87 -11.42 10.35
CA TRP B 83 -7.39 -10.06 10.19
C TRP B 83 -8.73 -9.88 10.89
N ASN B 84 -8.89 -8.73 11.56
CA ASN B 84 -10.16 -8.41 12.19
C ASN B 84 -10.44 -6.96 11.89
N THR B 85 -11.51 -6.70 11.14
CA THR B 85 -11.84 -5.34 10.70
C THR B 85 -12.06 -4.34 11.85
N ASP B 86 -12.42 -4.87 13.02
CA ASP B 86 -12.73 -4.11 14.23
C ASP B 86 -11.44 -3.68 14.95
N ASP B 87 -10.29 -4.13 14.44
CA ASP B 87 -9.03 -4.03 15.20
C ASP B 87 -7.82 -3.89 14.26
N VAL B 88 -7.75 -2.79 13.50
CA VAL B 88 -6.62 -2.57 12.60
C VAL B 88 -5.29 -2.58 13.35
N ALA B 89 -5.32 -2.08 14.60
CA ALA B 89 -4.11 -1.99 15.42
C ALA B 89 -3.54 -3.36 15.79
N ALA B 90 -4.32 -4.44 15.61
CA ALA B 90 -3.84 -5.79 15.94
C ALA B 90 -2.89 -6.28 14.84
N GLY B 91 -3.03 -5.68 13.66
CA GLY B 91 -2.17 -6.06 12.53
C GLY B 91 -2.88 -6.99 11.55
N TYR B 92 -2.09 -7.74 10.79
CA TYR B 92 -2.62 -8.71 9.81
C TYR B 92 -3.38 -8.01 8.67
N ASP B 93 -3.09 -6.72 8.47
CA ASP B 93 -3.76 -5.95 7.41
C ASP B 93 -3.12 -6.24 6.04
N ILE B 94 -3.44 -7.41 5.52
CA ILE B 94 -2.84 -7.84 4.27
C ILE B 94 -3.77 -8.84 3.61
N ALA B 95 -3.83 -8.77 2.30
CA ALA B 95 -4.68 -9.68 1.51
C ALA B 95 -4.03 -9.88 0.16
N LEU B 96 -4.34 -11.02 -0.42
CA LEU B 96 -3.83 -11.33 -1.76
C LEU B 96 -5.02 -11.47 -2.71
N LEU B 97 -4.89 -10.86 -3.89
CA LEU B 97 -5.97 -10.94 -4.89
C LEU B 97 -5.46 -11.72 -6.07
N ARG B 98 -6.16 -12.80 -6.44
CA ARG B 98 -5.84 -13.51 -7.64
C ARG B 98 -6.63 -12.88 -8.77
N LEU B 99 -5.94 -12.46 -9.80
CA LEU B 99 -6.52 -11.79 -10.95
C LEU B 99 -7.12 -12.80 -11.91
N ALA B 100 -8.19 -12.38 -12.59
CA ALA B 100 -8.89 -13.29 -13.54
C ALA B 100 -8.06 -13.67 -14.79
N GLN B 101 -7.12 -12.81 -15.13
CA GLN B 101 -6.17 -13.03 -16.22
C GLN B 101 -4.79 -12.63 -15.72
N SER B 102 -3.75 -13.19 -16.34
CA SER B 102 -2.41 -12.74 -16.09
C SER B 102 -2.13 -11.50 -16.92
N VAL B 103 -1.56 -10.50 -16.28
CA VAL B 103 -1.25 -9.28 -17.01
C VAL B 103 0.08 -9.42 -17.73
N THR B 104 0.30 -8.53 -18.72
CA THR B 104 1.50 -8.51 -19.53
C THR B 104 2.52 -7.53 -18.96
N LEU B 105 3.76 -7.98 -18.78
CA LEU B 105 4.78 -7.14 -18.21
C LEU B 105 5.45 -6.31 -19.29
N ASN B 106 5.84 -5.11 -18.89
CA ASN B 106 6.56 -4.14 -19.73
C ASN B 106 7.14 -3.01 -18.84
N SER B 107 7.58 -1.89 -19.41
CA SER B 107 8.19 -0.80 -18.62
C SER B 107 7.26 -0.22 -17.57
N TYR B 108 5.95 -0.41 -17.78
CA TYR B 108 4.92 0.16 -16.90
C TYR B 108 4.30 -0.85 -15.95
N VAL B 109 4.64 -2.11 -16.15
CA VAL B 109 3.98 -3.22 -15.45
C VAL B 109 5.06 -4.24 -15.10
N GLN B 110 5.45 -4.26 -13.82
CA GLN B 110 6.53 -5.18 -13.36
C GLN B 110 6.15 -5.76 -12.02
N LEU B 111 6.73 -6.92 -11.68
CA LEU B 111 6.50 -7.47 -10.33
C LEU B 111 7.31 -6.71 -9.28
N GLY B 112 6.65 -6.46 -8.14
CA GLY B 112 7.35 -5.84 -7.01
C GLY B 112 8.27 -6.86 -6.34
N VAL B 113 9.44 -6.41 -5.93
CA VAL B 113 10.40 -7.28 -5.23
C VAL B 113 10.09 -7.23 -3.74
N LEU B 114 9.99 -8.40 -3.10
CA LEU B 114 9.66 -8.44 -1.68
C LEU B 114 10.94 -8.68 -0.90
N PRO B 115 11.01 -8.16 0.33
CA PRO B 115 12.21 -8.39 1.15
C PRO B 115 12.32 -9.82 1.56
N ARG B 116 13.52 -10.22 2.00
CA ARG B 116 13.68 -11.52 2.60
C ARG B 116 12.89 -11.59 3.93
N ALA B 117 12.36 -12.79 4.25
CA ALA B 117 11.60 -13.00 5.48
C ALA B 117 12.36 -12.48 6.71
N GLY B 118 11.65 -11.75 7.57
CA GLY B 118 12.25 -11.34 8.85
C GLY B 118 13.07 -10.06 8.80
N THR B 119 13.32 -9.53 7.60
CA THR B 119 14.17 -8.33 7.46
C THR B 119 13.56 -7.13 8.17
N ILE B 120 14.36 -6.43 8.98
CA ILE B 120 13.90 -5.21 9.63
C ILE B 120 14.86 -4.12 9.21
N LEU B 121 14.31 -2.99 8.77
CA LEU B 121 15.13 -1.85 8.38
C LEU B 121 15.68 -1.03 9.54
N ALA B 122 16.91 -0.57 9.38
CA ALA B 122 17.48 0.33 10.38
C ALA B 122 16.61 1.57 10.47
N ASN B 123 16.62 2.19 11.65
CA ASN B 123 15.90 3.46 11.84
C ASN B 123 16.34 4.46 10.76
N ASN B 124 15.37 5.24 10.28
CA ASN B 124 15.65 6.30 9.30
C ASN B 124 16.09 5.80 7.94
N SER B 125 15.64 4.60 7.54
CA SER B 125 15.99 4.05 6.23
C SER B 125 15.19 4.79 5.17
N PRO B 126 15.81 5.06 4.00
CA PRO B 126 15.16 5.78 2.90
C PRO B 126 14.08 4.96 2.23
N CYS B 127 12.86 5.50 2.23
CA CYS B 127 11.77 4.82 1.52
C CYS B 127 10.89 5.87 0.88
N TYR B 128 10.11 5.44 -0.10
CA TYR B 128 9.06 6.27 -0.71
C TYR B 128 7.71 5.59 -0.57
N ILE B 129 6.67 6.34 -0.18
CA ILE B 129 5.31 5.87 -0.34
C ILE B 129 4.81 6.31 -1.70
N THR B 130 4.02 5.48 -2.39
CA THR B 130 3.37 5.92 -3.63
C THR B 130 1.84 5.65 -3.58
N GLY B 131 1.09 6.50 -4.27
CA GLY B 131 -0.34 6.22 -4.37
C GLY B 131 -1.12 7.39 -4.93
N TRP B 132 -2.42 7.14 -5.10
CA TRP B 132 -3.35 8.18 -5.58
C TRP B 132 -4.24 8.72 -4.46
N GLY B 133 -3.89 8.42 -3.21
CA GLY B 133 -4.70 8.85 -2.08
C GLY B 133 -4.81 10.35 -1.93
N LEU B 134 -5.60 10.75 -0.92
CA LEU B 134 -5.85 12.17 -0.72
C LEU B 134 -4.55 12.96 -0.62
N THR B 135 -4.55 14.17 -1.16
CA THR B 135 -3.34 14.99 -1.16
C THR B 135 -3.34 15.96 0.02
N ARG B 136 -4.44 15.94 0.79
CA ARG B 136 -4.57 16.68 2.04
C ARG B 136 -5.53 15.89 2.94
N THR B 137 -5.40 16.06 4.25
CA THR B 137 -6.37 15.51 5.18
C THR B 137 -7.75 16.04 4.78
N ASN B 138 -8.71 15.12 4.66
CA ASN B 138 -10.10 15.48 4.26
C ASN B 138 -10.12 16.21 2.91
N GLY B 139 -9.13 15.87 2.06
CA GLY B 139 -9.00 16.45 0.70
C GLY B 139 -9.56 15.51 -0.35
N GLN B 140 -8.89 15.46 -1.49
CA GLN B 140 -9.38 14.68 -2.63
C GLN B 140 -8.25 13.82 -3.15
N LEU B 141 -8.62 12.74 -3.84
CA LEU B 141 -7.62 11.89 -4.48
C LEU B 141 -6.76 12.67 -5.47
N ALA B 142 -5.54 12.20 -5.63
CA ALA B 142 -4.66 12.67 -6.71
C ALA B 142 -5.18 12.17 -8.06
N GLN B 143 -5.00 12.98 -9.08
CA GLN B 143 -5.18 12.47 -10.45
C GLN B 143 -3.99 11.63 -10.89
N THR B 144 -2.80 12.14 -10.65
CA THR B 144 -1.59 11.43 -11.07
C THR B 144 -0.89 10.76 -9.89
N LEU B 145 -0.24 9.62 -10.13
CA LEU B 145 0.45 8.89 -9.03
C LEU B 145 1.43 9.81 -8.33
N GLN B 146 1.38 9.83 -6.99
CA GLN B 146 2.28 10.65 -6.18
C GLN B 146 3.28 9.79 -5.46
N GLN B 147 4.44 10.38 -5.15
CA GLN B 147 5.41 9.75 -4.26
C GLN B 147 5.81 10.74 -3.17
N ALA B 148 6.13 10.21 -2.00
CA ALA B 148 6.69 11.03 -0.94
C ALA B 148 7.81 10.27 -0.24
N TYR B 149 8.87 11.01 0.10
CA TYR B 149 10.00 10.46 0.80
C TYR B 149 9.62 10.35 2.28
N LEU B 150 9.60 9.11 2.79
CA LEU B 150 9.18 8.81 4.16
C LEU B 150 10.19 7.85 4.78
N PRO B 151 11.17 8.37 5.51
CA PRO B 151 12.18 7.51 6.18
C PRO B 151 11.55 6.69 7.29
N THR B 152 12.03 5.45 7.50
CA THR B 152 11.43 4.64 8.55
C THR B 152 11.66 5.21 9.94
N VAL B 153 10.75 4.84 10.85
CA VAL B 153 10.85 5.12 12.28
C VAL B 153 10.81 3.74 12.92
N ASP B 154 11.90 3.34 13.56
CA ASP B 154 11.96 1.97 14.05
C ASP B 154 10.96 1.66 15.16
N TYR B 155 10.77 0.37 15.43
CA TYR B 155 9.79 -0.04 16.44
C TYR B 155 9.95 0.64 17.80
N ALA B 156 11.17 0.69 18.32
CA ALA B 156 11.40 1.31 19.62
C ALA B 156 10.88 2.74 19.70
N ILE B 157 11.16 3.51 18.65
CA ILE B 157 10.73 4.91 18.61
C ILE B 157 9.23 4.96 18.32
N CYS B 158 8.81 4.17 17.33
CA CYS B 158 7.43 4.27 16.85
C CYS B 158 6.40 3.86 17.90
N SER B 159 6.80 2.90 18.74
CA SER B 159 5.93 2.40 19.79
C SER B 159 6.12 3.14 21.11
N SER B 160 6.95 4.19 21.11
CA SER B 160 7.09 5.03 22.29
C SER B 160 5.84 5.90 22.53
N SER B 161 5.71 6.52 23.71
CA SER B 161 4.43 7.13 24.11
C SER B 161 3.98 8.32 23.26
N SER B 162 4.94 9.14 22.81
CA SER B 162 4.59 10.33 22.02
C SER B 162 4.33 10.00 20.56
N TYR B 163 4.74 8.82 20.12
CA TYR B 163 4.42 8.34 18.76
C TYR B 163 3.14 7.52 18.84
N TRP B 164 3.20 6.26 18.46
CA TRP B 164 2.02 5.45 18.42
C TRP B 164 1.73 4.60 19.64
N GLY B 165 2.67 4.54 20.59
CA GLY B 165 2.45 3.75 21.79
C GLY B 165 2.13 2.30 21.42
N SER B 166 1.21 1.69 22.15
CA SER B 166 0.87 0.26 22.02
C SER B 166 0.16 -0.10 20.69
N THR B 167 -0.25 0.93 19.96
CA THR B 167 -1.03 0.75 18.75
C THR B 167 -0.17 0.09 17.68
N VAL B 168 1.10 0.44 17.67
CA VAL B 168 2.02 -0.16 16.69
C VAL B 168 2.58 -1.48 17.21
N LYS B 169 2.67 -2.46 16.30
CA LYS B 169 3.18 -3.78 16.62
C LYS B 169 4.48 -3.99 15.80
N ASN B 170 5.26 -4.96 16.23
CA ASN B 170 6.49 -5.30 15.51
C ASN B 170 6.25 -5.90 14.11
N SER B 171 4.99 -6.26 13.81
CA SER B 171 4.60 -6.73 12.50
C SER B 171 4.27 -5.56 11.57
N MET B 172 4.59 -4.34 12.01
CA MET B 172 4.32 -3.18 11.20
C MET B 172 5.61 -2.41 10.96
N VAL B 173 5.61 -1.60 9.91
CA VAL B 173 6.66 -0.60 9.66
C VAL B 173 6.03 0.80 9.76
N CYS B 174 6.70 1.69 10.50
CA CYS B 174 6.31 3.10 10.55
C CYS B 174 7.24 3.90 9.64
N ALA B 175 6.71 4.90 8.95
CA ALA B 175 7.56 5.76 8.16
C ALA B 175 6.97 7.14 8.08
N GLY B 176 7.86 8.13 8.14
CA GLY B 176 7.48 9.54 8.03
C GLY B 176 7.27 10.14 9.41
N GLY B 177 6.10 10.77 9.57
CA GLY B 177 5.78 11.47 10.83
C GLY B 177 6.33 12.88 10.96
N ASP B 178 6.73 13.50 9.85
CA ASP B 178 7.30 14.86 9.90
C ASP B 178 6.29 16.00 9.99
N GLY B 179 5.02 15.65 9.82
CA GLY B 179 3.92 16.62 9.89
C GLY B 179 3.60 17.25 8.56
N VAL B 180 4.37 16.87 7.53
CA VAL B 180 4.23 17.48 6.20
C VAL B 180 3.85 16.43 5.14
N ARG B 181 4.56 15.31 5.17
CA ARG B 181 4.38 14.25 4.18
C ARG B 181 3.80 13.00 4.83
N SER B 182 2.93 12.30 4.10
CA SER B 182 2.30 11.10 4.71
C SER B 182 1.50 10.36 3.69
N GLY B 183 1.13 9.12 3.99
CA GLY B 183 0.01 8.50 3.27
C GLY B 183 -1.29 9.16 3.69
N CYS B 184 -2.36 8.85 2.96
CA CYS B 184 -3.66 9.39 3.33
C CYS B 184 -4.71 8.49 2.67
N GLN B 185 -5.98 8.73 2.96
CA GLN B 185 -7.01 7.78 2.47
C GLN B 185 -6.92 7.57 0.97
N GLY B 186 -6.98 6.30 0.57
CA GLY B 186 -6.82 5.99 -0.84
C GLY B 186 -5.44 5.44 -1.17
N ASP B 187 -4.49 5.62 -0.25
CA ASP B 187 -3.16 5.03 -0.42
C ASP B 187 -3.07 3.64 0.18
N SER B 188 -4.01 3.32 1.09
CA SER B 188 -4.05 2.01 1.77
C SER B 188 -3.85 0.90 0.78
N GLY B 189 -3.12 -0.11 1.23
CA GLY B 189 -2.89 -1.28 0.37
C GLY B 189 -1.70 -1.16 -0.57
N GLY B 190 -1.29 0.07 -0.88
CA GLY B 190 -0.15 0.28 -1.77
C GLY B 190 1.17 0.08 -1.05
N PRO B 191 2.24 0.24 -1.79
CA PRO B 191 3.59 -0.04 -1.35
C PRO B 191 4.27 1.08 -0.55
N LEU B 192 5.18 0.65 0.32
CA LEU B 192 6.27 1.49 0.79
C LEU B 192 7.51 0.86 0.17
N HIS B 193 8.22 1.62 -0.67
CA HIS B 193 9.38 1.10 -1.43
C HIS B 193 10.63 1.55 -0.72
N CYS B 194 11.50 0.63 -0.31
CA CYS B 194 12.69 1.06 0.41
C CYS B 194 13.92 0.53 -0.26
N LEU B 195 14.94 1.37 -0.29
CA LEU B 195 16.16 1.08 -1.01
C LEU B 195 17.06 0.25 -0.10
N VAL B 196 17.37 -0.97 -0.54
CA VAL B 196 18.22 -1.88 0.22
C VAL B 196 19.23 -2.54 -0.73
N ASN B 197 20.51 -2.40 -0.40
CA ASN B 197 21.60 -2.96 -1.25
C ASN B 197 21.43 -2.58 -2.73
N GLY B 198 21.05 -1.33 -2.97
CA GLY B 198 20.93 -0.78 -4.31
C GLY B 198 19.64 -1.03 -5.05
N GLN B 199 18.72 -1.80 -4.46
CA GLN B 199 17.49 -2.24 -5.12
C GLN B 199 16.31 -1.83 -4.27
N TYR B 200 15.27 -1.27 -4.89
CA TYR B 200 14.04 -0.97 -4.14
C TYR B 200 13.25 -2.27 -3.96
N ALA B 201 12.76 -2.50 -2.73
CA ALA B 201 11.86 -3.57 -2.46
C ALA B 201 10.64 -3.02 -1.70
N VAL B 202 9.53 -3.75 -1.78
CA VAL B 202 8.30 -3.30 -1.13
C VAL B 202 8.28 -3.87 0.27
N HIS B 203 8.62 -2.98 1.23
CA HIS B 203 8.72 -3.40 2.63
C HIS B 203 7.43 -3.19 3.40
N GLY B 204 6.52 -2.38 2.88
CA GLY B 204 5.25 -2.11 3.61
C GLY B 204 4.04 -2.14 2.71
N VAL B 205 2.89 -2.48 3.30
CA VAL B 205 1.58 -2.34 2.67
C VAL B 205 0.84 -1.26 3.49
N THR B 206 0.51 -0.13 2.86
CA THR B 206 -0.06 0.98 3.64
C THR B 206 -1.28 0.56 4.42
N SER B 207 -1.28 0.81 5.73
CA SER B 207 -2.40 0.39 6.57
C SER B 207 -3.22 1.49 7.22
N PHE B 208 -2.56 2.37 7.99
CA PHE B 208 -3.33 3.37 8.72
C PHE B 208 -2.53 4.63 9.05
N VAL B 209 -3.30 5.68 9.30
CA VAL B 209 -2.79 6.94 9.82
C VAL B 209 -3.64 7.31 11.05
N SER B 210 -3.27 8.43 11.67
CA SER B 210 -3.99 8.92 12.86
C SER B 210 -5.44 9.31 12.52
N ARG B 211 -6.36 9.12 13.48
CA ARG B 211 -7.72 9.61 13.33
C ARG B 211 -7.70 11.12 13.34
N LEU B 212 -6.62 11.72 13.84
CA LEU B 212 -6.49 13.18 13.86
C LEU B 212 -6.23 13.78 12.49
N GLY B 213 -5.60 13.02 11.60
CA GLY B 213 -5.26 13.56 10.28
C GLY B 213 -4.16 12.72 9.66
N CYS B 214 -3.94 12.93 8.37
CA CYS B 214 -2.94 12.16 7.65
C CYS B 214 -1.49 12.56 8.04
N ASN B 215 -1.13 13.81 7.78
CA ASN B 215 0.19 14.34 8.13
C ASN B 215 0.16 14.97 9.52
N VAL B 216 0.48 14.16 10.52
CA VAL B 216 0.50 14.59 11.91
C VAL B 216 1.86 14.28 12.46
N THR B 217 2.51 15.30 13.08
CA THR B 217 3.88 15.10 13.60
C THR B 217 3.86 14.02 14.66
N ARG B 218 4.81 13.09 14.55
CA ARG B 218 4.96 11.93 15.46
C ARG B 218 3.84 10.91 15.35
N LYS B 219 3.07 10.99 14.24
CA LYS B 219 2.16 9.89 13.88
C LYS B 219 2.52 9.46 12.48
N PRO B 220 3.66 8.81 12.35
CA PRO B 220 4.08 8.35 11.02
C PRO B 220 3.04 7.43 10.42
N THR B 221 3.02 7.38 9.09
CA THR B 221 2.15 6.42 8.42
C THR B 221 2.57 5.00 8.82
N VAL B 222 1.57 4.15 9.02
CA VAL B 222 1.84 2.77 9.47
C VAL B 222 1.50 1.79 8.36
N PHE B 223 2.40 0.85 8.16
CA PHE B 223 2.32 -0.14 7.11
C PHE B 223 2.42 -1.55 7.67
N THR B 224 1.71 -2.50 7.06
CA THR B 224 1.99 -3.89 7.38
C THR B 224 3.40 -4.24 6.93
N ARG B 225 4.17 -4.89 7.80
CA ARG B 225 5.56 -5.27 7.44
C ARG B 225 5.56 -6.49 6.54
N VAL B 226 5.83 -6.28 5.26
CA VAL B 226 5.78 -7.40 4.27
C VAL B 226 6.66 -8.57 4.72
N SER B 227 7.85 -8.25 5.27
CA SER B 227 8.77 -9.35 5.60
C SER B 227 8.30 -10.24 6.74
N ALA B 228 7.20 -9.88 7.42
CA ALA B 228 6.60 -10.73 8.43
C ALA B 228 5.67 -11.75 7.84
N TYR B 229 5.39 -11.61 6.53
CA TYR B 229 4.36 -12.39 5.87
C TYR B 229 4.84 -13.18 4.65
N ILE B 230 6.15 -13.33 4.47
CA ILE B 230 6.67 -14.00 3.29
C ILE B 230 6.18 -15.45 3.20
N SER B 231 6.22 -16.19 4.32
CA SER B 231 5.74 -17.57 4.30
C SER B 231 4.25 -17.64 3.99
N TRP B 232 3.49 -16.75 4.60
CA TRP B 232 2.05 -16.69 4.37
C TRP B 232 1.76 -16.45 2.88
N ILE B 233 2.43 -15.43 2.33
CA ILE B 233 2.25 -15.09 0.92
C ILE B 233 2.59 -16.29 0.03
N ASN B 234 3.76 -16.89 0.23
CA ASN B 234 4.15 -18.06 -0.58
C ASN B 234 3.17 -19.22 -0.45
N ASN B 235 2.70 -19.42 0.77
CA ASN B 235 1.72 -20.51 1.02
C ASN B 235 0.41 -20.27 0.27
N VAL B 236 -0.06 -19.02 0.26
CA VAL B 236 -1.32 -18.74 -0.42
C VAL B 236 -1.16 -18.97 -1.91
N ILE B 237 -0.07 -18.45 -2.47
CA ILE B 237 0.11 -18.54 -3.91
C ILE B 237 0.22 -20.01 -4.33
N ALA B 238 0.95 -20.78 -3.52
CA ALA B 238 1.16 -22.21 -3.78
C ALA B 238 -0.12 -23.02 -3.72
N SER B 239 -1.05 -22.63 -2.85
CA SER B 239 -2.29 -23.39 -2.69
C SER B 239 -3.46 -22.86 -3.52
N ASN B 240 -3.21 -21.82 -4.32
CA ASN B 240 -4.24 -21.22 -5.16
C ASN B 240 -3.75 -21.03 -6.58
#